data_6WOS
#
_entry.id   6WOS
#
_cell.length_a   46.341
_cell.length_b   72.167
_cell.length_c   135.468
_cell.angle_alpha   90.000
_cell.angle_beta   91.200
_cell.angle_gamma   90.000
#
_symmetry.space_group_name_H-M   'C 1 2 1'
#
loop_
_entity.id
_entity.type
_entity.pdbx_description
1 polymer 'Fab AR3B heavy chain'
2 polymer 'Fab AR3B light chain'
3 water water
#
loop_
_entity_poly.entity_id
_entity_poly.type
_entity_poly.pdbx_seq_one_letter_code
_entity_poly.pdbx_strand_id
1 'polypeptide(L)'
;LLEQSGPEVKKPGSSVKVSCKDSGDTFNEPVTWVRQAPGQGLEWIGGIIPAFGVTKYAQKFQGRVIISADASTATAYLEL
SSLRSEDTAVYYCAKVGLRGIVMVGGLAMNWLDPWGQGTQVTVSSASTKGPSVFPLAPSSKSTSGGTAALGCLVKDYFPE
PVTVSWNSGALTSGVHTFPAVLQSSGLYSLSSVVTVPSSSLGTQTYICNVNHKPSNTKVDKKVEPKSCGS
;
H
2 'polypeptide(L)'
;EIELTQSPGTLSLSPGERATLSCRASQSVSSSYLAWYQQKPGQAPRLLIYGASSRATGIPDRFSGSGSGTDFTLTISRLE
PEDFAVYYCQQYGSSPQTFGQGTKVEIKRTVAAPSVFIFPPSDEQLKSGTASVVCLLNNFYPREAKVQWKVDNALQSGNS
QESVTEQDSKDSTYSLSSTLTLSKADYEKHKVYACEVTHQGLSSPVTKSFNRGEC
;
L
#
# COMPACT_ATOMS: atom_id res chain seq x y z
N LEU A 1 -2.65 -16.38 -18.16
CA LEU A 1 -2.18 -15.01 -17.94
C LEU A 1 -3.21 -13.99 -18.43
N LEU A 2 -3.47 -13.00 -17.58
CA LEU A 2 -4.36 -11.88 -17.89
C LEU A 2 -3.52 -10.61 -17.88
N GLU A 3 -3.43 -9.94 -19.02
CA GLU A 3 -2.69 -8.69 -19.16
C GLU A 3 -3.68 -7.54 -19.14
N GLN A 4 -3.49 -6.59 -18.22
CA GLN A 4 -4.38 -5.44 -18.12
C GLN A 4 -3.71 -4.20 -18.72
N SER A 5 -4.55 -3.23 -19.10
CA SER A 5 -4.05 -1.97 -19.66
C SER A 5 -3.41 -1.11 -18.57
N GLY A 6 -2.75 -0.04 -19.02
CA GLY A 6 -1.87 0.74 -18.18
C GLY A 6 -2.62 1.68 -17.23
N PRO A 7 -1.86 2.37 -16.38
CA PRO A 7 -2.47 3.23 -15.36
C PRO A 7 -3.19 4.42 -15.99
N GLU A 8 -4.23 4.87 -15.29
CA GLU A 8 -5.10 5.94 -15.76
C GLU A 8 -5.18 7.03 -14.70
N VAL A 9 -5.27 8.28 -15.16
CA VAL A 9 -5.51 9.43 -14.31
C VAL A 9 -6.70 10.16 -14.89
N LYS A 10 -7.73 10.38 -14.07
CA LYS A 10 -9.01 10.90 -14.53
C LYS A 10 -9.51 11.98 -13.59
N LYS A 11 -10.27 12.92 -14.14
CA LYS A 11 -10.94 13.97 -13.39
C LYS A 11 -12.28 13.50 -12.85
N PRO A 12 -12.76 14.06 -11.74
CA PRO A 12 -14.11 13.72 -11.25
C PRO A 12 -15.16 13.99 -12.32
N GLY A 13 -16.18 13.12 -12.36
CA GLY A 13 -17.23 13.19 -13.33
C GLY A 13 -16.94 12.46 -14.63
N SER A 14 -15.68 12.07 -14.87
CA SER A 14 -15.34 11.43 -16.13
C SER A 14 -15.56 9.94 -15.99
N SER A 15 -15.14 9.19 -17.02
CA SER A 15 -15.27 7.74 -17.03
C SER A 15 -13.94 7.11 -17.43
N VAL A 16 -13.74 5.87 -17.04
CA VAL A 16 -12.52 5.15 -17.35
C VAL A 16 -12.89 3.80 -17.95
N LYS A 17 -12.11 3.36 -18.93
CA LYS A 17 -12.28 2.05 -19.54
C LYS A 17 -10.96 1.29 -19.44
N VAL A 18 -10.99 0.16 -18.75
CA VAL A 18 -9.81 -0.68 -18.53
C VAL A 18 -10.03 -2.02 -19.24
N SER A 19 -8.96 -2.57 -19.82
CA SER A 19 -9.06 -3.82 -20.56
C SER A 19 -8.27 -4.93 -19.89
N CYS A 20 -8.67 -6.15 -20.20
CA CYS A 20 -8.12 -7.37 -19.61
C CYS A 20 -7.98 -8.39 -20.73
N LYS A 21 -6.74 -8.66 -21.14
CA LYS A 21 -6.44 -9.50 -22.31
C LYS A 21 -6.01 -10.89 -21.89
N ASP A 22 -6.74 -11.91 -22.37
CA ASP A 22 -6.41 -13.29 -22.06
C ASP A 22 -5.31 -13.78 -22.98
N SER A 23 -4.28 -14.39 -22.39
CA SER A 23 -3.16 -14.93 -23.16
C SER A 23 -3.44 -16.36 -23.61
N ASN A 28 -13.48 -18.65 -22.12
CA ASN A 28 -14.24 -19.77 -21.57
C ASN A 28 -14.87 -19.45 -20.20
N GLU A 29 -14.02 -19.14 -19.22
CA GLU A 29 -14.45 -18.86 -17.87
C GLU A 29 -15.06 -17.47 -17.78
N PRO A 30 -16.00 -17.25 -16.86
CA PRO A 30 -16.45 -15.88 -16.60
C PRO A 30 -15.28 -15.03 -16.12
N VAL A 31 -15.35 -13.73 -16.41
CA VAL A 31 -14.34 -12.75 -16.01
C VAL A 31 -14.96 -11.80 -15.00
N THR A 32 -14.32 -11.62 -13.86
CA THR A 32 -14.85 -10.76 -12.81
C THR A 32 -13.90 -9.58 -12.60
N TRP A 33 -14.45 -8.46 -12.13
CA TRP A 33 -13.64 -7.28 -11.80
C TRP A 33 -13.78 -6.99 -10.31
N VAL A 34 -12.63 -6.76 -9.68
CA VAL A 34 -12.51 -6.48 -8.25
C VAL A 34 -11.59 -5.28 -8.13
N ARG A 35 -11.83 -4.42 -7.14
CA ARG A 35 -10.91 -3.32 -6.91
C ARG A 35 -10.46 -3.27 -5.45
N GLN A 36 -9.36 -2.54 -5.24
CA GLN A 36 -8.75 -2.41 -3.93
C GLN A 36 -8.29 -0.97 -3.76
N ALA A 37 -8.96 -0.22 -2.89
CA ALA A 37 -8.59 1.16 -2.60
C ALA A 37 -7.30 1.18 -1.77
N PRO A 38 -6.55 2.31 -1.79
CA PRO A 38 -5.26 2.35 -1.06
C PRO A 38 -5.39 1.90 0.38
N GLY A 39 -4.65 0.86 0.73
CA GLY A 39 -4.67 0.33 2.08
C GLY A 39 -5.95 -0.35 2.50
N GLN A 40 -6.84 -0.67 1.57
CA GLN A 40 -8.11 -1.30 1.92
C GLN A 40 -8.14 -2.73 1.41
N GLY A 41 -9.28 -3.38 1.63
CA GLY A 41 -9.53 -4.73 1.15
C GLY A 41 -10.08 -4.76 -0.27
N LEU A 42 -10.69 -5.90 -0.61
CA LEU A 42 -11.17 -6.17 -1.97
C LEU A 42 -12.67 -5.97 -2.08
N GLU A 43 -13.11 -5.41 -3.20
CA GLU A 43 -14.50 -5.06 -3.42
C GLU A 43 -14.92 -5.58 -4.79
N TRP A 44 -15.95 -6.42 -4.84
CA TRP A 44 -16.44 -6.96 -6.10
C TRP A 44 -17.20 -5.88 -6.87
N ILE A 45 -16.88 -5.72 -8.15
CA ILE A 45 -17.56 -4.76 -9.02
C ILE A 45 -18.65 -5.43 -9.85
N GLY A 46 -18.32 -6.55 -10.47
CA GLY A 46 -19.23 -7.22 -11.40
C GLY A 46 -18.48 -8.22 -12.25
N GLY A 47 -19.21 -8.86 -13.17
CA GLY A 47 -18.55 -9.83 -14.01
C GLY A 47 -19.35 -10.10 -15.26
N ILE A 48 -18.73 -10.84 -16.18
CA ILE A 48 -19.36 -11.15 -17.46
C ILE A 48 -19.01 -12.59 -17.85
N ILE A 49 -19.93 -13.23 -18.56
CA ILE A 49 -19.66 -14.52 -19.17
C ILE A 49 -19.38 -14.22 -20.64
N PRO A 50 -18.11 -14.23 -21.07
CA PRO A 50 -17.74 -13.54 -22.31
C PRO A 50 -18.34 -14.13 -23.57
N ALA A 51 -18.49 -15.46 -23.63
CA ALA A 51 -19.02 -16.05 -24.84
C ALA A 51 -20.49 -15.69 -25.06
N PHE A 52 -21.21 -15.35 -23.99
CA PHE A 52 -22.64 -15.12 -24.06
C PHE A 52 -23.07 -13.72 -23.66
N GLY A 53 -22.14 -12.88 -23.19
CA GLY A 53 -22.45 -11.48 -22.91
C GLY A 53 -23.27 -11.22 -21.67
N VAL A 54 -23.53 -12.24 -20.86
CA VAL A 54 -24.35 -12.10 -19.66
C VAL A 54 -23.52 -11.42 -18.58
N THR A 55 -24.02 -10.30 -18.07
CA THR A 55 -23.32 -9.52 -17.05
C THR A 55 -24.10 -9.54 -15.73
N LYS A 56 -23.37 -9.38 -14.62
CA LYS A 56 -23.99 -9.11 -13.34
C LYS A 56 -23.13 -8.07 -12.63
N TYR A 57 -23.78 -7.10 -11.99
CA TYR A 57 -23.07 -5.99 -11.35
C TYR A 57 -23.45 -5.90 -9.88
N ALA A 58 -22.48 -5.52 -9.04
CA ALA A 58 -22.79 -5.24 -7.66
C ALA A 58 -23.74 -4.05 -7.56
N GLN A 59 -24.62 -4.08 -6.55
CA GLN A 59 -25.65 -3.06 -6.42
C GLN A 59 -25.04 -1.67 -6.27
N LYS A 60 -23.85 -1.58 -5.65
CA LYS A 60 -23.19 -0.29 -5.47
C LYS A 60 -22.86 0.41 -6.79
N PHE A 61 -22.58 -0.36 -7.85
CA PHE A 61 -22.12 0.20 -9.10
C PHE A 61 -23.17 0.19 -10.22
N GLN A 62 -24.25 -0.56 -10.07
CA GLN A 62 -25.31 -0.56 -11.07
C GLN A 62 -25.72 0.86 -11.44
N GLY A 63 -25.78 1.12 -12.74
CA GLY A 63 -26.13 2.43 -13.24
C GLY A 63 -24.97 3.25 -13.76
N ARG A 64 -23.74 2.96 -13.33
CA ARG A 64 -22.57 3.67 -13.82
C ARG A 64 -21.44 2.72 -14.21
N VAL A 65 -21.73 1.44 -14.40
CA VAL A 65 -20.71 0.48 -14.79
C VAL A 65 -21.22 -0.32 -15.97
N ILE A 66 -20.32 -0.60 -16.92
CA ILE A 66 -20.60 -1.54 -18.01
C ILE A 66 -19.40 -2.47 -18.16
N ILE A 67 -19.65 -3.77 -18.15
CA ILE A 67 -18.62 -4.76 -18.44
C ILE A 67 -18.97 -5.40 -19.77
N SER A 68 -17.98 -5.53 -20.65
CA SER A 68 -18.20 -6.09 -21.98
C SER A 68 -17.05 -7.01 -22.31
N ALA A 69 -17.22 -7.80 -23.38
CA ALA A 69 -16.16 -8.70 -23.77
C ALA A 69 -16.23 -8.92 -25.28
N ASP A 70 -15.06 -9.10 -25.87
CA ASP A 70 -14.92 -9.36 -27.29
C ASP A 70 -14.33 -10.76 -27.40
N ALA A 71 -15.17 -11.73 -27.77
CA ALA A 71 -14.71 -13.12 -27.83
C ALA A 71 -13.63 -13.29 -28.89
N SER A 72 -13.68 -12.48 -29.95
CA SER A 72 -12.75 -12.66 -31.07
C SER A 72 -11.34 -12.17 -30.73
N THR A 73 -11.21 -11.28 -29.74
CA THR A 73 -9.91 -10.83 -29.26
C THR A 73 -9.61 -11.33 -27.85
N ALA A 74 -10.49 -12.16 -27.28
CA ALA A 74 -10.34 -12.66 -25.92
C ALA A 74 -9.98 -11.55 -24.94
N THR A 75 -10.71 -10.43 -25.06
CA THR A 75 -10.49 -9.26 -24.20
C THR A 75 -11.80 -8.91 -23.50
N ALA A 76 -11.70 -8.58 -22.22
CA ALA A 76 -12.83 -8.09 -21.44
C ALA A 76 -12.56 -6.65 -21.05
N TYR A 77 -13.63 -5.91 -20.78
CA TYR A 77 -13.56 -4.48 -20.54
C TYR A 77 -14.38 -4.10 -19.33
N LEU A 78 -13.89 -3.09 -18.61
CA LEU A 78 -14.59 -2.48 -17.50
C LEU A 78 -14.67 -0.99 -17.79
N GLU A 79 -15.89 -0.46 -17.83
CA GLU A 79 -16.11 0.98 -18.01
C GLU A 79 -16.87 1.48 -16.80
N LEU A 80 -16.25 2.40 -16.05
CA LEU A 80 -16.83 2.95 -14.84
C LEU A 80 -16.98 4.45 -15.06
N SER A 81 -18.18 4.98 -14.84
CA SER A 81 -18.43 6.40 -15.11
C SER A 81 -18.80 7.12 -13.81
N SER A 82 -19.08 8.42 -13.94
CA SER A 82 -19.42 9.26 -12.79
C SER A 82 -18.38 9.15 -11.69
N LEU A 83 -17.11 9.23 -12.10
CA LEU A 83 -16.00 8.93 -11.19
C LEU A 83 -15.90 10.01 -10.12
N ARG A 84 -15.55 9.59 -8.90
CA ARG A 84 -15.22 10.47 -7.79
C ARG A 84 -13.87 10.05 -7.24
N SER A 85 -13.29 10.88 -6.36
CA SER A 85 -11.98 10.55 -5.83
C SER A 85 -11.99 9.21 -5.09
N GLU A 86 -13.11 8.85 -4.44
CA GLU A 86 -13.19 7.56 -3.75
C GLU A 86 -13.21 6.36 -4.69
N ASP A 87 -13.19 6.57 -6.00
CA ASP A 87 -13.00 5.48 -6.95
C ASP A 87 -11.53 5.24 -7.28
N THR A 88 -10.62 6.00 -6.68
CA THR A 88 -9.20 5.72 -6.78
C THR A 88 -8.90 4.36 -6.17
N ALA A 89 -8.29 3.48 -6.96
CA ALA A 89 -8.04 2.10 -6.56
C ALA A 89 -7.20 1.42 -7.62
N VAL A 90 -6.72 0.23 -7.28
CA VAL A 90 -6.20 -0.70 -8.28
C VAL A 90 -7.36 -1.61 -8.68
N TYR A 91 -7.57 -1.74 -9.99
CA TYR A 91 -8.65 -2.53 -10.56
C TYR A 91 -8.07 -3.84 -11.10
N TYR A 92 -8.59 -4.97 -10.62
CA TYR A 92 -8.16 -6.30 -11.05
C TYR A 92 -9.26 -6.99 -11.84
N CYS A 93 -8.86 -7.66 -12.91
CA CYS A 93 -9.69 -8.69 -13.52
C CYS A 93 -9.19 -10.05 -13.06
N ALA A 94 -10.10 -11.03 -13.02
CA ALA A 94 -9.75 -12.40 -12.63
C ALA A 94 -10.75 -13.35 -13.25
N LYS A 95 -10.32 -14.58 -13.50
CA LYS A 95 -11.25 -15.57 -14.05
C LYS A 95 -11.94 -16.32 -12.93
N VAL A 96 -13.22 -16.60 -13.13
CA VAL A 96 -14.03 -17.39 -12.20
C VAL A 96 -13.86 -18.84 -12.57
N GLY A 97 -13.49 -19.68 -11.60
CA GLY A 97 -13.26 -21.08 -11.91
C GLY A 97 -14.52 -21.76 -12.44
N LEU A 98 -14.32 -22.64 -13.44
CA LEU A 98 -15.45 -23.35 -14.05
C LEU A 98 -15.88 -24.56 -13.22
N ARG A 99 -14.92 -25.31 -12.67
CA ARG A 99 -15.26 -26.53 -11.96
C ARG A 99 -16.02 -26.21 -10.67
N GLY A 100 -17.19 -26.81 -10.52
CA GLY A 100 -17.98 -26.58 -9.32
C GLY A 100 -18.51 -25.18 -9.19
N ILE A 101 -18.61 -24.45 -10.31
CA ILE A 101 -19.09 -23.08 -10.29
C ILE A 101 -20.48 -23.01 -9.67
N VAL A 102 -20.72 -21.95 -8.92
CA VAL A 102 -21.92 -21.79 -8.11
C VAL A 102 -22.85 -20.84 -8.87
N MET A 103 -23.99 -21.35 -9.34
CA MET A 103 -24.91 -20.57 -10.16
C MET A 103 -26.09 -20.11 -9.32
N VAL A 104 -26.41 -18.81 -9.43
CA VAL A 104 -27.62 -18.24 -8.87
C VAL A 104 -28.30 -17.42 -9.96
N GLY A 105 -29.03 -18.11 -10.83
CA GLY A 105 -29.58 -17.45 -12.01
C GLY A 105 -28.48 -17.24 -13.04
N GLY A 106 -28.42 -16.03 -13.60
CA GLY A 106 -27.31 -15.64 -14.44
C GLY A 106 -26.03 -15.31 -13.71
N LEU A 107 -26.03 -15.42 -12.38
CA LEU A 107 -24.87 -15.08 -11.56
C LEU A 107 -24.02 -16.32 -11.31
N ALA A 108 -22.74 -16.23 -11.67
CA ALA A 108 -21.79 -17.33 -11.57
C ALA A 108 -20.71 -16.92 -10.58
N MET A 109 -20.53 -17.71 -9.53
CA MET A 109 -19.56 -17.39 -8.48
C MET A 109 -18.64 -18.57 -8.25
N ASN A 110 -17.40 -18.28 -7.94
CA ASN A 110 -16.44 -19.33 -7.59
C ASN A 110 -15.19 -18.66 -7.04
N TRP A 111 -14.21 -19.50 -6.69
CA TRP A 111 -12.85 -19.02 -6.48
C TRP A 111 -12.32 -18.33 -7.73
N LEU A 112 -11.33 -17.45 -7.53
CA LEU A 112 -10.81 -16.61 -8.60
C LEU A 112 -9.36 -16.96 -8.86
N ASP A 113 -9.07 -17.30 -10.13
CA ASP A 113 -7.74 -17.68 -10.60
C ASP A 113 -7.77 -18.00 -12.08
N PRO A 114 -6.82 -17.49 -12.90
CA PRO A 114 -5.76 -16.55 -12.56
C PRO A 114 -6.28 -15.10 -12.43
N TRP A 115 -5.37 -14.21 -12.05
CA TRP A 115 -5.65 -12.80 -11.84
C TRP A 115 -4.81 -11.95 -12.79
N GLY A 116 -5.37 -10.82 -13.22
CA GLY A 116 -4.58 -9.80 -13.87
C GLY A 116 -3.68 -9.11 -12.88
N GLN A 117 -2.72 -8.34 -13.42
CA GLN A 117 -1.72 -7.68 -12.59
C GLN A 117 -2.22 -6.36 -11.99
N GLY A 118 -3.40 -5.92 -12.37
CA GLY A 118 -3.97 -4.72 -11.78
C GLY A 118 -3.69 -3.48 -12.61
N THR A 119 -4.63 -2.54 -12.55
CA THR A 119 -4.55 -1.25 -13.22
C THR A 119 -4.79 -0.18 -12.16
N GLN A 120 -3.81 0.68 -11.94
CA GLN A 120 -3.99 1.81 -11.04
C GLN A 120 -4.86 2.86 -11.73
N VAL A 121 -5.93 3.28 -11.07
CA VAL A 121 -6.75 4.38 -11.55
C VAL A 121 -6.78 5.44 -10.45
N THR A 122 -6.31 6.64 -10.76
CA THR A 122 -6.33 7.79 -9.85
C THR A 122 -7.39 8.75 -10.32
N VAL A 123 -8.32 9.12 -9.44
CA VAL A 123 -9.34 10.12 -9.74
C VAL A 123 -9.08 11.33 -8.87
N SER A 124 -8.83 12.47 -9.51
CA SER A 124 -8.44 13.67 -8.78
C SER A 124 -8.68 14.90 -9.64
N SER A 125 -8.97 16.02 -8.97
CA SER A 125 -9.04 17.29 -9.66
C SER A 125 -7.68 17.91 -9.93
N ALA A 126 -6.61 17.34 -9.38
CA ALA A 126 -5.28 17.91 -9.53
C ALA A 126 -4.77 17.83 -10.96
N SER A 127 -3.85 18.74 -11.28
CA SER A 127 -3.16 18.76 -12.56
C SER A 127 -1.75 18.20 -12.43
N THR A 128 -1.24 17.66 -13.54
CA THR A 128 0.11 17.10 -13.56
C THR A 128 1.12 18.15 -13.13
N LYS A 129 1.98 17.81 -12.17
CA LYS A 129 2.96 18.75 -11.64
C LYS A 129 4.20 17.97 -11.19
N GLY A 130 5.38 18.44 -11.58
CA GLY A 130 6.61 17.82 -11.15
C GLY A 130 7.00 18.24 -9.75
N PRO A 131 7.78 17.42 -9.06
CA PRO A 131 8.14 17.72 -7.67
C PRO A 131 9.24 18.76 -7.58
N SER A 132 9.28 19.43 -6.43
CA SER A 132 10.49 20.09 -5.98
C SER A 132 11.27 19.11 -5.13
N VAL A 133 12.59 19.19 -5.21
CA VAL A 133 13.46 18.26 -4.49
C VAL A 133 14.36 19.08 -3.58
N PHE A 134 14.26 18.82 -2.27
CA PHE A 134 14.97 19.60 -1.27
C PHE A 134 15.89 18.67 -0.47
N PRO A 135 17.06 19.14 -0.08
CA PRO A 135 17.96 18.28 0.71
C PRO A 135 17.50 18.15 2.15
N LEU A 136 17.71 16.96 2.72
CA LEU A 136 17.60 16.76 4.17
C LEU A 136 19.04 16.57 4.65
N ALA A 137 19.64 17.65 5.11
CA ALA A 137 21.09 17.69 5.27
C ALA A 137 21.51 16.94 6.54
N PRO A 138 22.60 16.16 6.50
CA PRO A 138 23.06 15.51 7.73
C PRO A 138 23.49 16.55 8.75
N SER A 139 23.12 16.31 10.00
CA SER A 139 23.42 17.29 11.04
C SER A 139 24.91 17.28 11.40
N GLY A 146 28.14 5.96 15.63
CA GLY A 146 28.55 7.04 14.77
C GLY A 146 27.99 6.93 13.36
N THR A 147 26.68 6.96 13.25
CA THR A 147 26.01 6.91 11.95
C THR A 147 25.20 8.18 11.77
N ALA A 148 25.20 8.68 10.54
CA ALA A 148 24.48 9.89 10.21
C ALA A 148 23.33 9.53 9.30
N ALA A 149 22.31 10.39 9.28
CA ALA A 149 21.20 10.24 8.35
C ALA A 149 21.13 11.47 7.46
N LEU A 150 20.76 11.24 6.20
CA LEU A 150 20.53 12.35 5.28
C LEU A 150 19.46 11.89 4.29
N GLY A 151 18.96 12.82 3.49
CA GLY A 151 17.95 12.41 2.56
C GLY A 151 17.53 13.52 1.61
N CYS A 152 16.43 13.26 0.92
CA CYS A 152 15.84 14.19 -0.03
C CYS A 152 14.35 14.22 0.20
N LEU A 153 13.79 15.43 0.28
CA LEU A 153 12.35 15.63 0.35
C LEU A 153 11.82 15.90 -1.05
N VAL A 154 10.91 15.05 -1.53
CA VAL A 154 10.34 15.15 -2.87
C VAL A 154 8.90 15.64 -2.71
N LYS A 155 8.67 16.93 -2.93
CA LYS A 155 7.46 17.58 -2.46
C LYS A 155 6.59 18.10 -3.61
N ASP A 156 5.27 17.93 -3.44
CA ASP A 156 4.25 18.59 -4.25
C ASP A 156 4.26 18.13 -5.70
N TYR A 157 3.93 16.87 -5.94
CA TYR A 157 3.86 16.35 -7.29
C TYR A 157 2.54 15.62 -7.52
N PHE A 158 2.21 15.47 -8.80
CA PHE A 158 1.02 14.72 -9.21
C PHE A 158 1.21 14.27 -10.65
N PRO A 159 0.80 13.04 -11.01
CA PRO A 159 0.30 11.98 -10.14
C PRO A 159 1.46 11.12 -9.63
N GLU A 160 1.14 10.06 -8.90
CA GLU A 160 2.13 9.03 -8.65
C GLU A 160 2.51 8.36 -9.97
N PRO A 161 3.70 7.76 -10.05
CA PRO A 161 4.73 7.64 -9.02
C PRO A 161 5.96 8.52 -9.26
N VAL A 162 6.83 8.58 -8.26
CA VAL A 162 8.19 9.09 -8.39
C VAL A 162 9.10 7.92 -8.08
N THR A 163 10.28 7.90 -8.70
CA THR A 163 11.32 6.95 -8.31
C THR A 163 12.51 7.73 -7.75
N VAL A 164 13.15 7.16 -6.72
CA VAL A 164 14.33 7.76 -6.11
C VAL A 164 15.43 6.71 -6.03
N SER A 165 16.62 7.08 -6.45
CA SER A 165 17.80 6.26 -6.21
C SER A 165 18.88 7.13 -5.58
N TRP A 166 19.96 6.51 -5.12
CA TRP A 166 21.07 7.25 -4.55
C TRP A 166 22.34 6.88 -5.29
N ASN A 167 23.13 7.89 -5.62
CA ASN A 167 24.41 7.69 -6.32
C ASN A 167 24.24 6.80 -7.55
N SER A 168 23.19 7.10 -8.32
CA SER A 168 22.88 6.42 -9.58
C SER A 168 22.66 4.92 -9.38
N GLY A 169 22.16 4.54 -8.21
CA GLY A 169 21.93 3.15 -7.90
C GLY A 169 23.08 2.44 -7.23
N ALA A 170 24.23 3.10 -7.06
CA ALA A 170 25.36 2.48 -6.40
C ALA A 170 25.19 2.40 -4.89
N LEU A 171 24.31 3.22 -4.33
CA LEU A 171 24.08 3.25 -2.88
C LEU A 171 22.67 2.73 -2.62
N THR A 172 22.59 1.53 -2.03
CA THR A 172 21.31 0.88 -1.77
C THR A 172 21.23 0.46 -0.31
N SER A 173 22.38 0.14 0.29
CA SER A 173 22.38 -0.26 1.69
C SER A 173 21.90 0.88 2.59
N GLY A 174 20.88 0.59 3.40
CA GLY A 174 20.40 1.57 4.35
C GLY A 174 19.48 2.63 3.79
N VAL A 175 19.03 2.48 2.55
CA VAL A 175 18.12 3.44 1.95
C VAL A 175 16.68 3.09 2.33
N HIS A 176 15.91 4.09 2.74
CA HIS A 176 14.46 3.94 2.94
C HIS A 176 13.76 5.04 2.15
N THR A 177 12.95 4.64 1.19
CA THR A 177 12.11 5.59 0.46
C THR A 177 10.67 5.37 0.91
N PHE A 178 10.10 6.39 1.52
CA PHE A 178 8.80 6.28 2.16
C PHE A 178 7.66 6.28 1.16
N PRO A 179 6.55 5.61 1.47
CA PRO A 179 5.33 5.76 0.67
C PRO A 179 4.89 7.21 0.62
N ALA A 180 4.37 7.61 -0.54
CA ALA A 180 3.91 8.97 -0.69
C ALA A 180 2.72 9.23 0.21
N VAL A 181 2.59 10.48 0.65
CA VAL A 181 1.42 10.95 1.37
C VAL A 181 0.68 11.92 0.48
N LEU A 182 -0.64 11.83 0.45
CA LEU A 182 -1.47 12.78 -0.29
C LEU A 182 -1.85 13.94 0.64
N GLN A 183 -1.44 15.15 0.25
CA GLN A 183 -1.73 16.35 1.01
C GLN A 183 -3.12 16.89 0.67
N SER A 184 -3.60 17.83 1.49
CA SER A 184 -4.93 18.40 1.25
C SER A 184 -4.97 19.20 -0.05
N SER A 185 -3.82 19.73 -0.48
CA SER A 185 -3.71 20.38 -1.78
C SER A 185 -4.02 19.47 -2.94
N GLY A 186 -4.07 18.15 -2.72
CA GLY A 186 -4.18 17.19 -3.80
C GLY A 186 -2.86 16.74 -4.39
N LEU A 187 -1.74 17.25 -3.90
CA LEU A 187 -0.42 16.87 -4.41
C LEU A 187 0.21 15.89 -3.44
N TYR A 188 1.12 15.06 -3.97
CA TYR A 188 1.80 14.04 -3.17
C TYR A 188 3.14 14.58 -2.69
N SER A 189 3.64 13.96 -1.62
CA SER A 189 4.99 14.24 -1.15
C SER A 189 5.57 12.97 -0.55
N LEU A 190 6.89 12.80 -0.70
CA LEU A 190 7.57 11.70 -0.03
C LEU A 190 9.00 12.13 0.31
N SER A 191 9.63 11.34 1.17
CA SER A 191 11.05 11.53 1.45
C SER A 191 11.79 10.22 1.20
N SER A 192 13.07 10.33 0.88
CA SER A 192 13.95 9.18 0.81
C SER A 192 15.13 9.50 1.70
N VAL A 193 15.54 8.54 2.53
CA VAL A 193 16.62 8.79 3.48
C VAL A 193 17.63 7.65 3.40
N VAL A 194 18.84 7.92 3.86
CA VAL A 194 19.86 6.89 3.94
C VAL A 194 20.70 7.16 5.17
N THR A 195 21.11 6.11 5.86
CA THR A 195 22.07 6.23 6.94
C THR A 195 23.45 5.81 6.44
N VAL A 196 24.45 6.58 6.84
CA VAL A 196 25.84 6.41 6.39
C VAL A 196 26.75 6.62 7.59
N PRO A 197 27.99 6.13 7.52
CA PRO A 197 28.94 6.43 8.60
C PRO A 197 29.20 7.92 8.68
N SER A 198 29.15 8.47 9.89
CA SER A 198 29.41 9.90 10.03
C SER A 198 30.81 10.26 9.54
N SER A 199 31.76 9.33 9.59
CA SER A 199 33.10 9.61 9.11
C SER A 199 33.16 9.82 7.60
N SER A 200 32.18 9.30 6.85
CA SER A 200 32.18 9.47 5.39
C SER A 200 31.59 10.82 4.95
N LEU A 201 31.10 11.65 5.88
CA LEU A 201 30.41 12.87 5.48
C LEU A 201 31.34 13.85 4.78
N GLY A 202 32.62 13.86 5.13
CA GLY A 202 33.55 14.74 4.46
C GLY A 202 34.11 14.21 3.16
N THR A 203 34.16 12.87 3.02
CA THR A 203 34.92 12.24 1.96
C THR A 203 34.05 11.69 0.82
N GLN A 204 32.78 11.37 1.08
CA GLN A 204 31.93 10.72 0.11
C GLN A 204 30.79 11.63 -0.32
N THR A 205 30.52 11.67 -1.62
CA THR A 205 29.41 12.45 -2.16
C THR A 205 28.13 11.61 -2.15
N TYR A 206 27.02 12.26 -1.78
CA TYR A 206 25.71 11.64 -1.73
C TYR A 206 24.74 12.44 -2.59
N ILE A 207 24.22 11.81 -3.63
CA ILE A 207 23.32 12.47 -4.58
C ILE A 207 22.05 11.64 -4.70
N CYS A 208 20.90 12.28 -4.51
CA CYS A 208 19.64 11.57 -4.72
C CYS A 208 19.16 11.85 -6.13
N ASN A 209 18.79 10.78 -6.85
CA ASN A 209 18.33 10.85 -8.23
C ASN A 209 16.81 10.69 -8.24
N VAL A 210 16.09 11.73 -8.64
CA VAL A 210 14.63 11.72 -8.58
C VAL A 210 14.09 11.77 -10.01
N ASN A 211 13.11 10.91 -10.31
CA ASN A 211 12.48 10.90 -11.64
C ASN A 211 10.97 10.90 -11.48
N HIS A 212 10.29 11.80 -12.19
CA HIS A 212 8.83 11.84 -12.22
C HIS A 212 8.47 11.91 -13.70
N LYS A 213 8.09 10.77 -14.28
CA LYS A 213 7.88 10.72 -15.73
C LYS A 213 6.77 11.64 -16.25
N PRO A 214 5.62 11.80 -15.57
CA PRO A 214 4.56 12.68 -16.12
C PRO A 214 5.00 14.11 -16.36
N SER A 215 6.04 14.60 -15.70
CA SER A 215 6.54 15.94 -15.92
C SER A 215 7.93 15.94 -16.55
N ASN A 216 8.45 14.77 -16.90
CA ASN A 216 9.86 14.58 -17.28
C ASN A 216 10.78 15.33 -16.32
N THR A 217 10.51 15.19 -15.03
CA THR A 217 11.40 15.74 -14.01
C THR A 217 12.52 14.73 -13.78
N LYS A 218 13.75 15.19 -13.97
CA LYS A 218 14.96 14.41 -13.69
C LYS A 218 15.91 15.32 -12.91
N VAL A 219 16.10 15.02 -11.63
CA VAL A 219 16.86 15.89 -10.73
C VAL A 219 17.92 15.04 -10.04
N ASP A 220 19.14 15.55 -9.99
CA ASP A 220 20.21 14.93 -9.21
C ASP A 220 20.63 15.95 -8.17
N LYS A 221 20.24 15.74 -6.91
CA LYS A 221 20.43 16.71 -5.85
C LYS A 221 21.56 16.22 -4.94
N LYS A 222 22.67 16.95 -4.91
CA LYS A 222 23.76 16.63 -3.99
C LYS A 222 23.37 17.06 -2.58
N VAL A 223 23.49 16.15 -1.61
CA VAL A 223 23.12 16.43 -0.23
C VAL A 223 24.39 16.44 0.61
N GLU A 224 24.66 17.54 1.31
CA GLU A 224 25.89 17.67 2.08
C GLU A 224 25.60 18.47 3.34
N PRO A 225 26.48 18.39 4.37
CA PRO A 225 26.21 19.10 5.63
C PRO A 225 26.24 20.62 5.54
N GLU B 1 -26.51 -10.03 3.01
CA GLU B 1 -25.08 -10.04 2.74
C GLU B 1 -24.32 -10.74 3.86
N ILE B 2 -23.57 -11.77 3.52
CA ILE B 2 -22.74 -12.49 4.48
C ILE B 2 -21.49 -11.65 4.74
N GLU B 3 -21.39 -11.08 5.94
CA GLU B 3 -20.19 -10.36 6.33
C GLU B 3 -19.15 -11.33 6.87
N LEU B 4 -17.90 -11.14 6.45
CA LEU B 4 -16.79 -11.97 6.89
C LEU B 4 -15.86 -11.13 7.75
N THR B 5 -15.64 -11.57 8.99
CA THR B 5 -14.73 -10.88 9.91
C THR B 5 -13.49 -11.74 10.13
N GLN B 6 -12.33 -11.19 9.80
CA GLN B 6 -11.06 -11.87 9.98
C GLN B 6 -10.38 -11.40 11.26
N SER B 7 -9.72 -12.32 11.95
CA SER B 7 -8.99 -12.00 13.17
C SER B 7 -7.72 -12.83 13.24
N PRO B 8 -6.66 -12.30 13.87
CA PRO B 8 -6.59 -10.89 14.28
C PRO B 8 -6.35 -10.01 13.06
N GLY B 9 -6.36 -8.68 13.20
CA GLY B 9 -6.03 -7.84 12.06
C GLY B 9 -4.57 -7.99 11.65
N THR B 10 -3.68 -8.10 12.64
CA THR B 10 -2.26 -8.37 12.44
C THR B 10 -1.86 -9.50 13.36
N LEU B 11 -1.07 -10.43 12.81
CA LEU B 11 -0.53 -11.58 13.53
C LEU B 11 0.99 -11.49 13.42
N SER B 12 1.68 -11.29 14.55
CA SER B 12 3.14 -11.15 14.57
C SER B 12 3.75 -12.47 15.03
N LEU B 13 4.49 -13.13 14.12
CA LEU B 13 5.06 -14.43 14.42
C LEU B 13 6.48 -14.54 13.88
N SER B 14 7.30 -15.29 14.59
CA SER B 14 8.66 -15.55 14.16
C SER B 14 8.67 -16.58 13.04
N PRO B 15 9.63 -16.49 12.12
CA PRO B 15 9.78 -17.55 11.13
C PRO B 15 9.91 -18.89 11.82
N GLY B 16 9.27 -19.90 11.25
CA GLY B 16 9.22 -21.23 11.84
C GLY B 16 8.04 -21.49 12.75
N GLU B 17 7.31 -20.46 13.18
CA GLU B 17 6.18 -20.66 14.05
C GLU B 17 4.93 -21.05 13.24
N ARG B 18 3.97 -21.65 13.93
CA ARG B 18 2.70 -21.99 13.30
C ARG B 18 1.79 -20.78 13.33
N ALA B 19 1.07 -20.56 12.24
CA ALA B 19 0.15 -19.44 12.09
C ALA B 19 -1.24 -19.99 11.88
N THR B 20 -2.21 -19.50 12.66
CA THR B 20 -3.61 -19.85 12.45
C THR B 20 -4.40 -18.57 12.29
N LEU B 21 -5.05 -18.43 11.14
CA LEU B 21 -5.87 -17.28 10.81
C LEU B 21 -7.34 -17.67 10.81
N SER B 22 -8.19 -16.77 11.30
CA SER B 22 -9.61 -17.03 11.47
C SER B 22 -10.44 -16.20 10.50
N CYS B 23 -11.48 -16.81 9.94
CA CYS B 23 -12.51 -16.11 9.16
C CYS B 23 -13.86 -16.50 9.73
N ARG B 24 -14.62 -15.52 10.21
CA ARG B 24 -15.89 -15.76 10.88
C ARG B 24 -17.02 -15.08 10.10
N ALA B 25 -18.04 -15.85 9.76
CA ALA B 25 -19.12 -15.37 8.91
C ALA B 25 -20.33 -14.97 9.77
N SER B 26 -21.02 -13.90 9.36
CA SER B 26 -22.21 -13.48 10.08
C SER B 26 -23.36 -14.45 9.87
N GLN B 27 -23.43 -15.10 8.71
CA GLN B 27 -24.38 -16.15 8.42
C GLN B 27 -23.62 -17.40 8.03
N SER B 28 -24.25 -18.56 8.25
CA SER B 28 -23.64 -19.82 7.84
C SER B 28 -23.30 -19.78 6.36
N VAL B 29 -22.09 -20.21 6.02
CA VAL B 29 -21.65 -20.22 4.63
C VAL B 29 -22.18 -21.47 3.95
N SER B 30 -22.78 -21.30 2.77
CA SER B 30 -23.35 -22.43 2.06
C SER B 30 -22.25 -23.40 1.64
N SER B 31 -22.27 -24.60 2.23
CA SER B 31 -21.52 -25.76 1.74
C SER B 31 -20.03 -25.51 1.56
N SER B 32 -19.40 -24.87 2.55
CA SER B 32 -17.96 -24.66 2.54
C SER B 32 -17.47 -23.93 1.29
N TYR B 33 -18.31 -23.10 0.67
CA TYR B 33 -17.90 -22.31 -0.49
C TYR B 33 -17.09 -21.09 -0.02
N LEU B 34 -15.88 -21.38 0.45
CA LEU B 34 -15.00 -20.37 1.00
C LEU B 34 -13.60 -20.55 0.44
N ALA B 35 -12.94 -19.45 0.12
CA ALA B 35 -11.58 -19.45 -0.42
C ALA B 35 -10.69 -18.52 0.37
N TRP B 36 -9.39 -18.78 0.30
CA TRP B 36 -8.34 -17.95 0.92
C TRP B 36 -7.36 -17.49 -0.15
N TYR B 37 -6.92 -16.24 -0.01
CA TYR B 37 -5.96 -15.63 -0.93
C TYR B 37 -4.84 -15.00 -0.13
N GLN B 38 -3.67 -14.98 -0.73
CA GLN B 38 -2.49 -14.30 -0.25
C GLN B 38 -2.23 -13.09 -1.13
N GLN B 39 -1.83 -11.97 -0.53
CA GLN B 39 -1.43 -10.80 -1.30
C GLN B 39 -0.19 -10.15 -0.69
N LYS B 40 0.79 -9.87 -1.53
CA LYS B 40 1.98 -9.11 -1.17
C LYS B 40 1.95 -7.73 -1.79
N PRO B 41 2.68 -6.77 -1.23
CA PRO B 41 2.54 -5.38 -1.71
C PRO B 41 2.89 -5.25 -3.18
N GLY B 42 2.03 -4.55 -3.92
CA GLY B 42 2.22 -4.35 -5.34
C GLY B 42 1.74 -5.47 -6.23
N GLN B 43 1.33 -6.61 -5.67
CA GLN B 43 0.99 -7.79 -6.45
C GLN B 43 -0.50 -8.10 -6.33
N ALA B 44 -1.01 -8.87 -7.29
CA ALA B 44 -2.39 -9.33 -7.23
C ALA B 44 -2.54 -10.42 -6.16
N PRO B 45 -3.75 -10.58 -5.63
CA PRO B 45 -4.03 -11.74 -4.77
C PRO B 45 -3.80 -13.05 -5.53
N ARG B 46 -3.50 -14.09 -4.77
CA ARG B 46 -3.20 -15.42 -5.29
C ARG B 46 -4.05 -16.43 -4.52
N LEU B 47 -4.79 -17.26 -5.25
CA LEU B 47 -5.64 -18.25 -4.59
C LEU B 47 -4.78 -19.31 -3.91
N LEU B 48 -5.08 -19.59 -2.64
CA LEU B 48 -4.40 -20.62 -1.84
C LEU B 48 -5.27 -21.85 -1.62
N ILE B 49 -6.47 -21.64 -1.10
CA ILE B 49 -7.40 -22.68 -0.68
C ILE B 49 -8.76 -22.35 -1.27
N TYR B 50 -9.49 -23.37 -1.72
CA TYR B 50 -10.87 -23.19 -2.14
C TYR B 50 -11.72 -24.30 -1.54
N GLY B 51 -13.04 -24.09 -1.57
CA GLY B 51 -13.93 -25.04 -0.92
C GLY B 51 -13.51 -25.36 0.50
N ALA B 52 -13.05 -24.34 1.24
CA ALA B 52 -12.63 -24.37 2.63
C ALA B 52 -11.34 -25.15 2.89
N SER B 53 -11.14 -26.28 2.20
CA SER B 53 -10.00 -27.14 2.53
C SER B 53 -9.20 -27.64 1.33
N SER B 54 -9.63 -27.37 0.10
CA SER B 54 -8.90 -27.84 -1.06
C SER B 54 -7.76 -26.90 -1.40
N ARG B 55 -6.57 -27.46 -1.56
CA ARG B 55 -5.41 -26.69 -1.91
C ARG B 55 -5.40 -26.39 -3.41
N ALA B 56 -5.28 -25.12 -3.77
CA ALA B 56 -5.10 -24.77 -5.18
C ALA B 56 -3.80 -25.37 -5.72
N THR B 57 -3.75 -25.55 -7.03
CA THR B 57 -2.62 -26.23 -7.64
C THR B 57 -1.35 -25.40 -7.52
N GLY B 58 -0.27 -26.05 -7.11
CA GLY B 58 1.01 -25.39 -6.97
C GLY B 58 1.21 -24.61 -5.70
N ILE B 59 0.28 -24.73 -4.75
CA ILE B 59 0.39 -24.08 -3.44
C ILE B 59 1.08 -25.02 -2.47
N PRO B 60 2.04 -24.54 -1.68
CA PRO B 60 2.77 -25.43 -0.76
C PRO B 60 1.88 -26.13 0.25
N ASP B 61 2.24 -27.37 0.56
CA ASP B 61 1.52 -28.20 1.53
C ASP B 61 1.46 -27.60 2.93
N ARG B 62 2.33 -26.65 3.26
CA ARG B 62 2.23 -26.08 4.59
C ARG B 62 1.00 -25.18 4.76
N PHE B 63 0.29 -24.88 3.69
CA PHE B 63 -1.01 -24.20 3.80
C PHE B 63 -2.13 -25.24 3.83
N SER B 64 -3.01 -25.11 4.82
CA SER B 64 -4.20 -25.94 4.89
C SER B 64 -5.37 -25.12 5.43
N GLY B 65 -6.57 -25.45 5.01
CA GLY B 65 -7.75 -24.79 5.51
C GLY B 65 -8.76 -25.80 6.02
N SER B 66 -9.57 -25.37 6.96
CA SER B 66 -10.67 -26.18 7.47
C SER B 66 -11.78 -25.28 7.97
N GLY B 67 -12.85 -25.90 8.44
CA GLY B 67 -13.98 -25.19 9.00
C GLY B 67 -15.22 -25.36 8.15
N SER B 68 -16.33 -24.86 8.70
CA SER B 68 -17.64 -24.94 8.06
C SER B 68 -18.59 -24.01 8.80
N GLY B 69 -19.73 -23.76 8.17
CA GLY B 69 -20.75 -22.94 8.80
C GLY B 69 -20.34 -21.49 8.91
N THR B 70 -20.06 -21.04 10.13
CA THR B 70 -19.69 -19.65 10.37
C THR B 70 -18.23 -19.46 10.76
N ASP B 71 -17.45 -20.54 10.91
CA ASP B 71 -16.09 -20.44 11.42
C ASP B 71 -15.14 -21.21 10.50
N PHE B 72 -14.13 -20.51 9.97
CA PHE B 72 -13.15 -21.12 9.08
C PHE B 72 -11.76 -20.70 9.52
N THR B 73 -10.77 -21.53 9.21
CA THR B 73 -9.41 -21.20 9.58
C THR B 73 -8.45 -21.55 8.45
N LEU B 74 -7.42 -20.73 8.32
CA LEU B 74 -6.28 -21.01 7.46
C LEU B 74 -5.10 -21.26 8.38
N THR B 75 -4.40 -22.37 8.17
CA THR B 75 -3.22 -22.71 8.97
C THR B 75 -1.98 -22.73 8.07
N ILE B 76 -0.91 -22.10 8.53
CA ILE B 76 0.40 -22.26 7.91
C ILE B 76 1.25 -23.01 8.93
N SER B 77 1.60 -24.26 8.62
CA SER B 77 2.13 -25.16 9.64
C SER B 77 3.43 -24.64 10.25
N ARG B 78 4.35 -24.16 9.41
CA ARG B 78 5.56 -23.47 9.84
C ARG B 78 5.83 -22.31 8.91
N LEU B 79 5.88 -21.10 9.45
CA LEU B 79 6.04 -19.92 8.61
C LEU B 79 7.43 -19.86 7.98
N GLU B 80 7.46 -19.64 6.68
CA GLU B 80 8.68 -19.33 5.95
C GLU B 80 8.70 -17.86 5.55
N PRO B 81 9.88 -17.30 5.25
CA PRO B 81 9.94 -15.87 4.87
C PRO B 81 8.99 -15.46 3.76
N GLU B 82 8.77 -16.34 2.79
CA GLU B 82 7.85 -16.03 1.69
C GLU B 82 6.39 -16.00 2.12
N ASP B 83 6.06 -16.33 3.37
CA ASP B 83 4.67 -16.43 3.81
C ASP B 83 4.17 -15.18 4.53
N PHE B 84 5.04 -14.22 4.81
CA PHE B 84 4.61 -12.99 5.45
C PHE B 84 3.99 -12.08 4.39
N ALA B 85 2.70 -11.79 4.58
CA ALA B 85 1.84 -11.25 3.54
C ALA B 85 0.48 -10.94 4.19
N VAL B 86 -0.44 -10.40 3.39
CA VAL B 86 -1.82 -10.22 3.84
C VAL B 86 -2.63 -11.39 3.30
N TYR B 87 -3.57 -11.88 4.09
CA TYR B 87 -4.44 -12.99 3.71
C TYR B 87 -5.91 -12.56 3.79
N TYR B 88 -6.68 -12.95 2.77
CA TYR B 88 -8.09 -12.60 2.65
C TYR B 88 -8.92 -13.86 2.53
N CYS B 89 -10.09 -13.87 3.15
CA CYS B 89 -11.06 -14.90 2.86
C CYS B 89 -12.17 -14.35 1.97
N GLN B 90 -12.83 -15.26 1.25
CA GLN B 90 -13.90 -14.94 0.31
C GLN B 90 -14.96 -16.03 0.40
N GLN B 91 -16.23 -15.66 0.51
CA GLN B 91 -17.30 -16.64 0.38
C GLN B 91 -18.00 -16.44 -0.96
N TYR B 92 -18.27 -17.54 -1.66
CA TYR B 92 -18.90 -17.47 -2.98
C TYR B 92 -20.09 -18.41 -3.07
N GLY B 93 -20.77 -18.66 -1.95
CA GLY B 93 -21.90 -19.56 -1.92
C GLY B 93 -23.24 -18.86 -1.92
N SER B 94 -23.24 -17.57 -1.57
CA SER B 94 -24.44 -16.75 -1.51
C SER B 94 -24.21 -15.45 -2.24
N SER B 95 -25.26 -14.93 -2.86
CA SER B 95 -25.03 -13.67 -3.55
C SER B 95 -25.31 -12.48 -2.64
N PRO B 96 -24.47 -11.43 -2.66
CA PRO B 96 -23.25 -11.34 -3.46
C PRO B 96 -22.06 -11.98 -2.76
N GLN B 97 -21.09 -12.47 -3.52
CA GLN B 97 -19.84 -12.92 -2.91
C GLN B 97 -19.23 -11.77 -2.12
N THR B 98 -18.53 -12.12 -1.05
CA THR B 98 -17.98 -11.11 -0.14
C THR B 98 -16.58 -11.51 0.30
N PHE B 99 -15.81 -10.52 0.72
CA PHE B 99 -14.43 -10.70 1.15
C PHE B 99 -14.24 -10.21 2.58
N GLY B 100 -13.33 -10.88 3.31
CA GLY B 100 -12.90 -10.37 4.59
C GLY B 100 -11.97 -9.19 4.40
N GLN B 101 -11.70 -8.48 5.49
CA GLN B 101 -10.89 -7.27 5.38
C GLN B 101 -9.41 -7.51 5.57
N GLY B 102 -8.99 -8.76 5.73
CA GLY B 102 -7.59 -9.10 5.67
C GLY B 102 -6.95 -9.26 7.03
N THR B 103 -6.00 -10.19 7.11
CA THR B 103 -5.09 -10.34 8.24
C THR B 103 -3.66 -10.22 7.74
N LYS B 104 -2.89 -9.32 8.34
CA LYS B 104 -1.48 -9.20 7.98
C LYS B 104 -0.67 -10.15 8.86
N VAL B 105 0.09 -11.03 8.24
CA VAL B 105 1.05 -11.86 8.97
C VAL B 105 2.40 -11.16 8.88
N GLU B 106 2.85 -10.68 10.05
CA GLU B 106 3.99 -9.80 10.20
C GLU B 106 5.14 -10.54 10.87
N ILE B 107 6.38 -10.14 10.54
CA ILE B 107 7.56 -10.83 11.08
C ILE B 107 7.84 -10.32 12.49
N LYS B 108 7.79 -11.22 13.46
CA LYS B 108 8.21 -10.87 14.80
C LYS B 108 9.71 -11.05 14.90
N ARG B 109 10.41 -10.01 15.34
CA ARG B 109 11.84 -10.04 15.58
C ARG B 109 12.10 -9.38 16.92
N THR B 110 13.37 -9.35 17.33
CA THR B 110 13.69 -8.71 18.60
C THR B 110 13.39 -7.23 18.55
N VAL B 111 12.96 -6.70 19.70
CA VAL B 111 12.62 -5.29 19.84
C VAL B 111 13.84 -4.42 19.55
N ALA B 112 13.62 -3.31 18.83
CA ALA B 112 14.68 -2.39 18.43
C ALA B 112 14.17 -0.97 18.60
N ALA B 113 14.86 -0.16 19.40
CA ALA B 113 14.48 1.24 19.56
C ALA B 113 14.80 2.00 18.28
N PRO B 114 13.98 2.99 17.92
CA PRO B 114 14.32 3.82 16.76
C PRO B 114 15.51 4.70 17.03
N SER B 115 16.29 4.94 15.99
CA SER B 115 17.24 6.04 15.98
C SER B 115 16.53 7.23 15.38
N VAL B 116 16.58 8.37 16.07
CA VAL B 116 15.77 9.54 15.74
C VAL B 116 16.67 10.64 15.15
N PHE B 117 16.20 11.26 14.07
CA PHE B 117 16.90 12.36 13.43
C PHE B 117 15.91 13.47 13.10
N ILE B 118 16.33 14.74 13.25
CA ILE B 118 15.50 15.86 12.84
C ILE B 118 16.23 16.66 11.75
N PHE B 119 15.45 17.19 10.80
CA PHE B 119 15.97 17.91 9.64
C PHE B 119 15.25 19.23 9.50
N PRO B 120 15.95 20.35 9.54
CA PRO B 120 15.33 21.65 9.33
C PRO B 120 14.98 21.84 7.87
N PRO B 121 14.11 22.81 7.56
CA PRO B 121 13.86 23.16 6.16
C PRO B 121 15.12 23.68 5.48
N SER B 122 15.27 23.34 4.21
CA SER B 122 16.40 23.80 3.41
C SER B 122 16.21 25.28 3.05
N ASP B 123 17.33 25.97 2.81
CA ASP B 123 17.21 27.33 2.29
C ASP B 123 16.46 27.33 0.96
N GLU B 124 16.67 26.29 0.15
CA GLU B 124 15.99 26.22 -1.13
C GLU B 124 14.47 26.19 -0.96
N GLN B 125 13.96 25.41 -0.01
CA GLN B 125 12.53 25.40 0.21
C GLN B 125 12.03 26.74 0.76
N LEU B 126 12.78 27.35 1.68
CA LEU B 126 12.34 28.63 2.26
C LEU B 126 12.22 29.71 1.19
N LYS B 127 13.06 29.61 0.16
CA LYS B 127 13.00 30.54 -0.96
C LYS B 127 11.63 30.53 -1.63
N SER B 128 10.91 29.40 -1.56
CA SER B 128 9.60 29.30 -2.18
C SER B 128 8.44 29.60 -1.23
N GLY B 129 8.72 29.89 0.04
CA GLY B 129 7.69 30.35 0.94
C GLY B 129 7.12 29.31 1.89
N THR B 130 7.59 28.07 1.84
CA THR B 130 7.10 27.05 2.75
C THR B 130 8.27 26.45 3.53
N ALA B 131 7.96 25.84 4.67
CA ALA B 131 8.97 25.20 5.50
C ALA B 131 8.45 23.84 5.91
N SER B 132 9.20 22.79 5.59
CA SER B 132 8.89 21.44 6.05
C SER B 132 9.98 21.00 7.01
N VAL B 133 9.57 20.50 8.18
CA VAL B 133 10.50 19.96 9.17
C VAL B 133 10.26 18.46 9.23
N VAL B 134 11.32 17.67 9.12
CA VAL B 134 11.17 16.22 9.01
C VAL B 134 11.81 15.55 10.21
N CYS B 135 11.07 14.63 10.83
CA CYS B 135 11.55 13.79 11.92
C CYS B 135 11.58 12.34 11.42
N LEU B 136 12.73 11.70 11.52
CA LEU B 136 12.93 10.34 11.04
C LEU B 136 13.12 9.41 12.23
N LEU B 137 12.35 8.33 12.27
CA LEU B 137 12.53 7.25 13.23
C LEU B 137 13.02 6.06 12.42
N ASN B 138 14.27 5.65 12.63
CA ASN B 138 14.87 4.67 11.75
C ASN B 138 15.03 3.31 12.43
N ASN B 139 14.62 2.26 11.73
CA ASN B 139 14.99 0.86 12.02
C ASN B 139 14.53 0.43 13.41
N PHE B 140 13.21 0.44 13.60
CA PHE B 140 12.63 0.07 14.89
C PHE B 140 11.66 -1.10 14.78
N TYR B 141 11.40 -1.73 15.94
CA TYR B 141 10.45 -2.84 16.00
C TYR B 141 10.02 -2.94 17.45
N PRO B 142 8.71 -3.11 17.74
CA PRO B 142 7.60 -3.26 16.80
C PRO B 142 7.12 -1.93 16.21
N ARG B 143 6.02 -2.01 15.47
CA ARG B 143 5.58 -0.87 14.67
C ARG B 143 5.04 0.27 15.51
N GLU B 144 4.53 -0.01 16.71
CA GLU B 144 3.84 1.01 17.50
C GLU B 144 4.84 2.06 17.98
N ALA B 145 4.59 3.32 17.64
CA ALA B 145 5.45 4.42 18.05
C ALA B 145 4.62 5.68 18.01
N LYS B 146 5.04 6.66 18.80
CA LYS B 146 4.33 7.93 18.88
C LYS B 146 5.34 9.05 18.64
N VAL B 147 4.98 9.99 17.78
CA VAL B 147 5.80 11.16 17.52
C VAL B 147 4.94 12.39 17.82
N GLN B 148 5.51 13.32 18.58
CA GLN B 148 4.87 14.59 18.86
C GLN B 148 5.82 15.72 18.48
N TRP B 149 5.26 16.76 17.87
CA TRP B 149 6.01 17.97 17.52
C TRP B 149 5.76 19.04 18.57
N LYS B 150 6.84 19.70 18.98
CA LYS B 150 6.77 20.84 19.88
C LYS B 150 7.49 21.99 19.20
N VAL B 151 6.88 23.17 19.24
CA VAL B 151 7.49 24.38 18.71
C VAL B 151 7.57 25.35 19.88
N ASP B 152 8.79 25.60 20.36
CA ASP B 152 9.03 26.36 21.59
C ASP B 152 8.24 25.75 22.76
N ASN B 153 8.36 24.43 22.91
CA ASN B 153 7.75 23.64 23.97
C ASN B 153 6.21 23.70 23.93
N ALA B 154 5.63 24.01 22.77
CA ALA B 154 4.18 24.04 22.58
C ALA B 154 3.77 22.92 21.62
N LEU B 155 2.94 22.00 22.11
CA LEU B 155 2.56 20.83 21.31
C LEU B 155 1.78 21.23 20.07
N GLN B 156 2.19 20.69 18.91
CA GLN B 156 1.51 20.95 17.64
C GLN B 156 0.43 19.91 17.39
N SER B 157 -0.57 20.31 16.61
CA SER B 157 -1.65 19.42 16.22
C SER B 157 -2.20 19.86 14.86
N GLY B 158 -2.46 18.87 13.99
CA GLY B 158 -3.13 19.10 12.73
C GLY B 158 -2.25 19.44 11.55
N ASN B 159 -0.96 19.70 11.77
CA ASN B 159 -0.09 20.22 10.72
C ASN B 159 1.06 19.28 10.38
N SER B 160 0.93 17.98 10.69
CA SER B 160 1.96 16.99 10.37
C SER B 160 1.33 15.75 9.73
N GLN B 161 2.14 15.03 8.95
CA GLN B 161 1.71 13.80 8.31
C GLN B 161 2.81 12.76 8.45
N GLU B 162 2.42 11.50 8.63
CA GLU B 162 3.32 10.38 8.85
C GLU B 162 3.31 9.42 7.66
N SER B 163 4.45 8.79 7.44
CA SER B 163 4.57 7.70 6.48
C SER B 163 5.44 6.61 7.08
N VAL B 164 5.10 5.36 6.83
CA VAL B 164 5.83 4.23 7.40
C VAL B 164 6.19 3.28 6.27
N THR B 165 7.41 2.74 6.32
CA THR B 165 7.81 1.73 5.35
C THR B 165 7.20 0.37 5.69
N GLU B 166 7.25 -0.52 4.71
CA GLU B 166 7.01 -1.93 4.98
C GLU B 166 8.21 -2.50 5.73
N GLN B 167 8.02 -3.67 6.36
CA GLN B 167 9.15 -4.27 7.07
C GLN B 167 10.32 -4.50 6.14
N ASP B 168 11.49 -4.03 6.56
CA ASP B 168 12.70 -4.10 5.75
C ASP B 168 12.99 -5.54 5.34
N SER B 169 13.42 -5.73 4.09
CA SER B 169 13.63 -7.10 3.60
C SER B 169 14.75 -7.79 4.38
N LYS B 170 15.81 -7.07 4.72
CA LYS B 170 16.95 -7.71 5.36
C LYS B 170 16.70 -7.91 6.85
N ASP B 171 16.35 -6.85 7.57
CA ASP B 171 16.34 -6.91 9.03
C ASP B 171 14.94 -6.83 9.65
N SER B 172 13.88 -6.70 8.85
CA SER B 172 12.49 -6.76 9.31
C SER B 172 12.10 -5.60 10.25
N THR B 173 12.83 -4.50 10.24
CA THR B 173 12.42 -3.34 11.01
C THR B 173 11.52 -2.42 10.18
N TYR B 174 10.95 -1.45 10.87
CA TYR B 174 10.20 -0.34 10.27
C TYR B 174 11.00 0.95 10.34
N SER B 175 10.69 1.87 9.43
CA SER B 175 11.10 3.26 9.60
C SER B 175 9.89 4.15 9.37
N LEU B 176 9.94 5.33 9.98
CA LEU B 176 8.79 6.21 9.93
C LEU B 176 9.27 7.65 9.78
N SER B 177 8.56 8.42 8.96
CA SER B 177 8.82 9.85 8.84
C SER B 177 7.60 10.62 9.31
N SER B 178 7.84 11.71 10.01
CA SER B 178 6.79 12.66 10.33
C SER B 178 7.24 14.00 9.77
N THR B 179 6.37 14.66 9.03
CA THR B 179 6.71 15.91 8.38
C THR B 179 5.75 16.99 8.85
N LEU B 180 6.30 18.05 9.42
CA LEU B 180 5.55 19.21 9.92
C LEU B 180 5.63 20.30 8.86
N THR B 181 4.49 20.78 8.39
CA THR B 181 4.45 21.80 7.34
C THR B 181 3.94 23.10 7.93
N LEU B 182 4.73 24.17 7.78
CA LEU B 182 4.34 25.50 8.21
C LEU B 182 4.58 26.50 7.09
N SER B 183 3.84 27.60 7.10
CA SER B 183 4.22 28.70 6.23
C SER B 183 5.58 29.22 6.65
N LYS B 184 6.31 29.78 5.69
CA LYS B 184 7.59 30.41 6.01
C LYS B 184 7.41 31.47 7.08
N ALA B 185 6.33 32.26 6.98
CA ALA B 185 6.08 33.30 7.99
C ALA B 185 5.86 32.71 9.37
N ASP B 186 5.10 31.62 9.48
CA ASP B 186 4.92 30.98 10.77
C ASP B 186 6.23 30.38 11.27
N TYR B 187 7.01 29.78 10.37
CA TYR B 187 8.28 29.18 10.77
C TYR B 187 9.20 30.21 11.44
N GLU B 188 9.24 31.44 10.91
CA GLU B 188 10.10 32.48 11.47
C GLU B 188 9.58 33.06 12.79
N LYS B 189 8.35 32.76 13.18
CA LYS B 189 7.82 33.25 14.44
C LYS B 189 8.30 32.46 15.64
N HIS B 190 9.08 31.40 15.43
CA HIS B 190 9.47 30.53 16.52
C HIS B 190 10.93 30.13 16.37
N LYS B 191 11.51 29.70 17.49
CA LYS B 191 12.94 29.42 17.55
C LYS B 191 13.25 27.93 17.57
N VAL B 192 12.65 27.17 18.50
CA VAL B 192 13.04 25.79 18.75
C VAL B 192 12.00 24.85 18.15
N TYR B 193 12.47 23.91 17.33
CA TYR B 193 11.64 22.90 16.71
C TYR B 193 12.10 21.55 17.21
N ALA B 194 11.15 20.74 17.70
CA ALA B 194 11.49 19.49 18.36
C ALA B 194 10.51 18.40 18.01
N CYS B 195 11.00 17.19 17.83
CA CYS B 195 10.12 16.03 17.80
C CYS B 195 10.48 15.13 18.96
N GLU B 196 9.45 14.63 19.63
CA GLU B 196 9.61 13.76 20.79
C GLU B 196 9.02 12.41 20.44
N VAL B 197 9.78 11.36 20.68
CA VAL B 197 9.46 10.01 20.19
C VAL B 197 9.32 9.09 21.38
N THR B 198 8.23 8.32 21.38
CA THR B 198 8.05 7.27 22.38
C THR B 198 7.91 5.92 21.69
N HIS B 199 8.55 4.91 22.28
CA HIS B 199 8.61 3.58 21.72
C HIS B 199 9.00 2.64 22.85
N GLN B 200 8.49 1.41 22.81
CA GLN B 200 8.71 0.51 23.93
C GLN B 200 10.18 0.13 24.11
N GLY B 201 11.02 0.32 23.07
CA GLY B 201 12.44 0.09 23.20
C GLY B 201 13.21 1.24 23.81
N LEU B 202 12.54 2.35 24.08
CA LEU B 202 13.18 3.51 24.68
C LEU B 202 12.85 3.57 26.16
N SER B 203 13.88 3.70 27.00
CA SER B 203 13.64 3.79 28.44
C SER B 203 12.84 5.04 28.79
N SER B 204 12.97 6.10 28.00
CA SER B 204 12.20 7.32 28.18
C SER B 204 12.13 8.03 26.84
N PRO B 205 11.19 8.96 26.65
CA PRO B 205 11.04 9.59 25.35
C PRO B 205 12.31 10.27 24.90
N VAL B 206 12.56 10.23 23.59
CA VAL B 206 13.75 10.83 22.98
C VAL B 206 13.30 12.09 22.26
N THR B 207 14.01 13.20 22.51
CA THR B 207 13.78 14.46 21.81
C THR B 207 14.97 14.77 20.91
N LYS B 208 14.69 15.17 19.67
CA LYS B 208 15.68 15.79 18.81
C LYS B 208 15.15 17.18 18.45
N SER B 209 16.03 18.16 18.46
CA SER B 209 15.59 19.54 18.30
C SER B 209 16.66 20.34 17.58
N PHE B 210 16.25 21.49 17.04
CA PHE B 210 17.20 22.46 16.56
C PHE B 210 16.67 23.86 16.85
N ASN B 211 17.59 24.82 16.86
CA ASN B 211 17.27 26.23 17.04
C ASN B 211 17.40 26.92 15.69
N ARG B 212 16.31 27.54 15.23
CA ARG B 212 16.29 28.14 13.90
C ARG B 212 17.36 29.22 13.73
#